data_1TUQ
#
_entry.id   1TUQ
#
_entity_poly.entity_id   1
_entity_poly.type   'polydeoxyribonucleotide'
_entity_poly.pdbx_seq_one_letter_code
;(DC)(DT)(DC)(TC1)(DA)(DC)(DG)(DT)(DG)(DG)(DA)(DG)
;
_entity_poly.pdbx_strand_id   A,B
#
loop_
_chem_comp.id
_chem_comp.type
_chem_comp.name
_chem_comp.formula
DA DNA linking 2'-DEOXYADENOSINE-5'-MONOPHOSPHATE 'C10 H14 N5 O6 P'
DC DNA linking 2'-DEOXYCYTIDINE-5'-MONOPHOSPHATE 'C9 H14 N3 O7 P'
DG DNA linking 2'-DEOXYGUANOSINE-5'-MONOPHOSPHATE 'C10 H14 N5 O7 P'
DT DNA linking THYMIDINE-5'-MONOPHOSPHATE 'C10 H15 N2 O8 P'
TC1 DNA linking 3-(5-PHOSPHO-2-DEOXY-BETA-D-RIBOFURANOSYL)-2-OXO-1,3-DIAZA-PHENOTHIAZINE 'C15 H16 N3 O7 P S'
#
# COMPACT_ATOMS: atom_id res chain seq x y z
P TC1 A 4 4.15 6.59 3.71
OP1 TC1 A 4 4.97 6.60 4.94
OP2 TC1 A 4 4.39 5.51 2.73
O5' TC1 A 4 2.61 6.51 4.16
C5' TC1 A 4 2.05 7.53 4.98
C4' TC1 A 4 0.65 7.15 5.45
C3' TC1 A 4 0.49 5.70 5.82
C2' TC1 A 4 -0.27 5.10 4.67
C1' TC1 A 4 -1.24 6.24 4.34
O4' TC1 A 4 -0.43 7.38 4.53
N1 TC1 A 4 -1.75 6.17 2.97
C2 TC1 A 4 -3.15 6.44 2.78
O2 TC1 A 4 -3.81 6.69 3.80
N3 TC1 A 4 -3.69 6.43 1.49
C4 TC1 A 4 -2.89 6.11 0.45
C6 TC1 A 4 -2.83 5.75 -2.01
C14 TC1 A 4 -0.96 5.88 1.90
C13 TC1 A 4 -1.47 5.81 0.62
N5 TC1 A 4 -3.46 6.06 -0.82
C11 TC1 A 4 -1.49 5.36 -2.06
S12 TC1 A 4 -0.46 5.32 -0.64
C7 TC1 A 4 -3.60 5.82 -3.19
C8 TC1 A 4 -3.02 5.48 -4.41
C9 TC1 A 4 -1.68 5.09 -4.47
C10 TC1 A 4 -0.93 5.04 -3.30
O3' TC1 A 4 -0.24 5.60 7.06
H5' TC1 A 4 1.99 8.48 4.45
H5'' TC1 A 4 2.67 7.68 5.87
H4' TC1 A 4 0.44 7.76 6.36
H3' TC1 A 4 1.44 5.22 6.00
H2' TC1 A 4 0.42 4.88 3.87
H2'' TC1 A 4 -0.76 4.18 5.01
H1' TC1 A 4 -2.07 6.24 5.04
H14 TC1 A 4 0.11 5.68 2.10
H5 TC1 A 4 -4.42 6.30 -0.91
H7 TC1 A 4 -4.62 6.13 -3.16
H8 TC1 A 4 -3.60 5.53 -5.30
H9 TC1 A 4 -1.24 4.83 -5.40
H10 TC1 A 4 0.11 4.74 -3.35
P TC1 B 4 5.80 -5.87 0.04
OP1 TC1 B 4 7.17 -5.61 -0.46
OP2 TC1 B 4 5.26 -4.96 1.08
O5' TC1 B 4 4.80 -5.85 -1.21
C5' TC1 B 4 4.97 -6.78 -2.26
C4' TC1 B 4 4.06 -6.44 -3.45
C3' TC1 B 4 3.99 -4.99 -3.80
C2' TC1 B 4 2.66 -4.53 -3.27
C1' TC1 B 4 1.80 -5.75 -3.59
O4' TC1 B 4 2.67 -6.82 -3.32
N1 TC1 B 4 0.59 -5.84 -2.76
C2 TC1 B 4 -0.63 -6.21 -3.42
O2 TC1 B 4 -0.57 -6.41 -4.65
N3 TC1 B 4 -1.81 -6.34 -2.67
C4 TC1 B 4 -1.78 -6.06 -1.36
C6 TC1 B 4 -3.17 -5.91 0.70
C14 TC1 B 4 0.60 -5.58 -1.42
C13 TC1 B 4 -0.56 -5.65 -0.67
N5 TC1 B 4 -2.98 -6.15 -0.65
C11 TC1 B 4 -2.15 -5.43 1.53
S12 TC1 B 4 -0.50 -5.22 0.96
C7 TC1 B 4 -4.46 -6.12 1.23
C8 TC1 B 4 -4.72 -5.85 2.56
C9 TC1 B 4 -3.70 -5.38 3.38
C10 TC1 B 4 -2.42 -5.18 2.87
O3' TC1 B 4 4.10 -4.81 -5.21
H5' TC1 B 4 4.75 -7.80 -1.95
H5'' TC1 B 4 6.00 -6.77 -2.64
H4' TC1 B 4 4.47 -6.98 -4.33
H3' TC1 B 4 4.83 -4.43 -3.36
H2' TC1 B 4 2.75 -4.34 -2.20
H2'' TC1 B 4 2.37 -3.62 -3.79
H1' TC1 B 4 1.52 -5.73 -4.65
H14 TC1 B 4 1.56 -5.30 -0.96
H5 TC1 B 4 -3.79 -6.47 -1.14
H7 TC1 B 4 -5.25 -6.49 0.60
H8 TC1 B 4 -5.69 -6.01 2.96
H9 TC1 B 4 -3.90 -5.18 4.42
H10 TC1 B 4 -1.64 -4.83 3.51
P TC1 A 4 3.82 6.77 3.27
OP1 TC1 A 4 4.69 6.73 4.46
OP2 TC1 A 4 3.98 5.71 2.25
O5' TC1 A 4 2.30 6.74 3.76
C5' TC1 A 4 1.87 7.61 4.82
C4' TC1 A 4 0.46 7.24 5.29
C3' TC1 A 4 0.27 5.81 5.67
C2' TC1 A 4 -0.50 5.22 4.52
C1' TC1 A 4 -1.44 6.37 4.17
O4' TC1 A 4 -0.61 7.50 4.36
N1 TC1 A 4 -1.94 6.30 2.79
C2 TC1 A 4 -3.33 6.60 2.60
O2 TC1 A 4 -4.00 6.87 3.62
N3 TC1 A 4 -3.87 6.58 1.30
C4 TC1 A 4 -3.08 6.24 0.27
C6 TC1 A 4 -3.02 5.85 -2.18
C14 TC1 A 4 -1.16 5.98 1.73
C13 TC1 A 4 -1.67 5.90 0.45
N5 TC1 A 4 -3.64 6.19 -0.99
C11 TC1 A 4 -1.68 5.42 -2.23
S12 TC1 A 4 -0.66 5.39 -0.80
C7 TC1 A 4 -3.77 5.93 -3.37
C8 TC1 A 4 -3.20 5.57 -4.58
C9 TC1 A 4 -1.87 5.14 -4.62
C10 TC1 A 4 -1.13 5.08 -3.46
O3' TC1 A 4 -0.46 5.73 6.89
H5' TC1 A 4 1.88 8.65 4.49
H5'' TC1 A 4 2.53 7.52 5.68
H4' TC1 A 4 0.26 7.87 6.19
H3' TC1 A 4 1.22 5.31 5.84
H2' TC1 A 4 0.20 4.98 3.72
H2'' TC1 A 4 -0.99 4.31 4.86
H1' TC1 A 4 -2.27 6.38 4.88
H14 TC1 A 4 -0.09 5.76 1.94
H5 TC1 A 4 -4.60 6.45 -1.08
H7 TC1 A 4 -4.79 6.26 -3.34
H8 TC1 A 4 -3.78 5.61 -5.48
H9 TC1 A 4 -1.43 4.86 -5.55
H10 TC1 A 4 -0.10 4.76 -3.49
P TC1 B 4 5.60 -6.22 -0.06
OP1 TC1 B 4 6.98 -5.98 -0.53
OP2 TC1 B 4 5.05 -5.30 0.96
O5' TC1 B 4 4.63 -6.19 -1.33
C5' TC1 B 4 5.06 -6.76 -2.56
C4' TC1 B 4 4.09 -6.41 -3.70
C3' TC1 B 4 4.03 -4.96 -4.06
C2' TC1 B 4 2.74 -4.47 -3.47
C1' TC1 B 4 1.84 -5.68 -3.72
O4' TC1 B 4 2.71 -6.77 -3.49
N1 TC1 B 4 0.68 -5.73 -2.81
C2 TC1 B 4 -0.59 -6.06 -3.40
O2 TC1 B 4 -0.60 -6.27 -4.63
N3 TC1 B 4 -1.72 -6.16 -2.59
C4 TC1 B 4 -1.61 -5.88 -1.27
C6 TC1 B 4 -2.88 -5.68 0.86
C14 TC1 B 4 0.78 -5.47 -1.48
C13 TC1 B 4 -0.34 -5.50 -0.66
N5 TC1 B 4 -2.77 -5.93 -0.49
C11 TC1 B 4 -1.80 -5.23 1.63
S12 TC1 B 4 -0.17 -5.06 0.95
C7 TC1 B 4 -4.13 -5.86 1.46
C8 TC1 B 4 -4.30 -5.57 2.81
C9 TC1 B 4 -3.22 -5.12 3.57
C10 TC1 B 4 -1.97 -4.96 2.98
O3' TC1 B 4 4.06 -4.81 -5.48
H5' TC1 B 4 5.15 -7.85 -2.50
H5'' TC1 B 4 6.05 -6.37 -2.86
H4' TC1 B 4 4.44 -6.97 -4.59
H3' TC1 B 4 4.90 -4.42 -3.69
H2' TC1 B 4 2.90 -4.28 -2.41
H2'' TC1 B 4 2.44 -3.56 -3.98
H1' TC1 B 4 1.50 -5.67 -4.76
H14 TC1 B 4 1.77 -5.21 -1.08
H5 TC1 B 4 -3.61 -6.23 -0.94
H7 TC1 B 4 -4.96 -6.20 0.88
H8 TC1 B 4 -5.25 -5.70 3.27
H9 TC1 B 4 -3.35 -4.91 4.61
H10 TC1 B 4 -1.15 -4.63 3.58
P TC1 A 4 4.21 7.54 3.31
OP1 TC1 A 4 5.11 7.52 4.48
OP2 TC1 A 4 4.47 6.57 2.23
O5' TC1 A 4 2.71 7.31 3.83
C5' TC1 A 4 2.21 8.10 4.89
C4' TC1 A 4 0.85 7.56 5.38
C3' TC1 A 4 0.84 6.12 5.76
C2' TC1 A 4 0.15 5.44 4.60
C1' TC1 A 4 -0.93 6.47 4.28
O4' TC1 A 4 -0.26 7.68 4.46
N1 TC1 A 4 -1.44 6.34 2.90
C2 TC1 A 4 -2.86 6.47 2.72
O2 TC1 A 4 -3.54 6.65 3.74
N3 TC1 A 4 -3.40 6.39 1.43
C4 TC1 A 4 -2.58 6.16 0.39
C6 TC1 A 4 -2.49 5.79 -2.07
C14 TC1 A 4 -0.62 6.12 1.83
C13 TC1 A 4 -1.13 6.00 0.55
N5 TC1 A 4 -3.15 6.04 -0.88
C11 TC1 A 4 -1.12 5.53 -2.14
S12 TC1 A 4 -0.09 5.61 -0.71
C7 TC1 A 4 -3.26 5.77 -3.25
C8 TC1 A 4 -2.66 5.50 -4.46
C9 TC1 A 4 -1.29 5.24 -4.53
C10 TC1 A 4 -0.53 5.27 -3.36
O3' TC1 A 4 0.15 5.93 6.98
H5' TC1 A 4 2.07 9.14 4.59
H5'' TC1 A 4 2.88 8.08 5.76
H4' TC1 A 4 0.58 8.15 6.29
H3' TC1 A 4 1.85 5.74 5.91
H2' TC1 A 4 0.86 5.30 3.80
H2'' TC1 A 4 -0.22 4.47 4.94
H1' TC1 A 4 -1.75 6.37 4.98
H14 TC1 A 4 0.46 6.04 2.02
H5 TC1 A 4 -4.13 6.18 -0.96
H7 TC1 A 4 -4.31 5.98 -3.21
H8 TC1 A 4 -3.24 5.48 -5.36
H9 TC1 A 4 -0.82 5.02 -5.47
H10 TC1 A 4 0.53 5.07 -3.42
P TC1 B 4 6.12 -6.73 -0.44
OP1 TC1 B 4 7.50 -6.56 -0.95
OP2 TC1 B 4 5.66 -5.79 0.59
O5' TC1 B 4 5.11 -6.62 -1.68
C5' TC1 B 4 5.32 -7.43 -2.84
C4' TC1 B 4 4.40 -7.01 -3.98
C3' TC1 B 4 4.40 -5.54 -4.28
C2' TC1 B 4 3.10 -5.04 -3.70
C1' TC1 B 4 2.18 -6.21 -4.04
O4' TC1 B 4 3.01 -7.33 -3.83
N1 TC1 B 4 0.99 -6.26 -3.18
C2 TC1 B 4 -0.27 -6.57 -3.82
O2 TC1 B 4 -0.24 -6.74 -5.05
N3 TC1 B 4 -1.42 -6.67 -3.04
C4 TC1 B 4 -1.36 -6.43 -1.72
C6 TC1 B 4 -2.69 -6.27 0.37
C14 TC1 B 4 1.03 -6.04 -1.84
C13 TC1 B 4 -0.10 -6.09 -1.05
N5 TC1 B 4 -2.54 -6.49 -0.98
C11 TC1 B 4 -1.63 -5.86 1.19
S12 TC1 B 4 0.01 -5.69 0.58
C7 TC1 B 4 -3.97 -6.44 0.93
C8 TC1 B 4 -4.18 -6.20 2.27
C9 TC1 B 4 -3.12 -5.80 3.09
C10 TC1 B 4 -1.85 -5.63 2.55
O3' TC1 B 4 4.47 -5.33 -5.69
H5' TC1 B 4 5.14 -8.49 -2.62
H5'' TC1 B 4 6.36 -7.35 -3.20
H4' TC1 B 4 4.77 -7.54 -4.89
H3' TC1 B 4 5.27 -5.04 -3.85
H2' TC1 B 4 3.23 -4.90 -2.63
H2'' TC1 B 4 2.84 -4.10 -4.18
H1' TC1 B 4 1.87 -6.14 -5.09
H14 TC1 B 4 2.03 -5.83 -1.39
H5 TC1 B 4 -3.38 -6.75 -1.46
H7 TC1 B 4 -4.79 -6.77 0.31
H8 TC1 B 4 -5.16 -6.33 2.70
H9 TC1 B 4 -3.29 -5.60 4.13
H10 TC1 B 4 -1.05 -5.33 3.18
P TC1 A 4 3.85 5.92 3.82
OP1 TC1 A 4 4.62 5.95 5.08
OP2 TC1 A 4 4.07 4.76 2.92
O5' TC1 A 4 2.30 5.98 4.18
C5' TC1 A 4 1.81 7.01 5.04
C4' TC1 A 4 0.37 6.70 5.50
C3' TC1 A 4 0.11 5.27 5.83
C2' TC1 A 4 -0.68 4.75 4.67
C1' TC1 A 4 -1.56 5.95 4.36
O4' TC1 A 4 -0.68 7.04 4.58
N1 TC1 A 4 -2.07 5.96 2.98
C2 TC1 A 4 -3.44 6.31 2.80
O2 TC1 A 4 -4.10 6.57 3.82
N3 TC1 A 4 -3.97 6.36 1.50
C4 TC1 A 4 -3.20 6.03 0.46
C6 TC1 A 4 -3.15 5.72 -2.01
C14 TC1 A 4 -1.29 5.64 1.90
C13 TC1 A 4 -1.80 5.63 0.62
N5 TC1 A 4 -3.77 6.04 -0.82
C11 TC1 A 4 -1.83 5.25 -2.07
S12 TC1 A 4 -0.81 5.13 -0.64
C7 TC1 A 4 -3.90 5.87 -3.20
C8 TC1 A 4 -3.33 5.53 -4.42
C9 TC1 A 4 -2.02 5.06 -4.47
C10 TC1 A 4 -1.28 4.93 -3.31
O3' TC1 A 4 -0.61 5.18 7.06
H5' TC1 A 4 1.81 7.98 4.53
H5'' TC1 A 4 2.42 7.10 5.94
H4' TC1 A 4 0.21 7.31 6.42
H3' TC1 A 4 1.05 4.71 6.00
H2' TC1 A 4 0.01 4.50 3.86
H2'' TC1 A 4 -1.21 3.86 4.98
H1' TC1 A 4 -2.38 5.99 5.06
H14 TC1 A 4 -0.24 5.38 2.10
H5 TC1 A 4 -4.71 6.35 -0.89
H7 TC1 A 4 -4.91 6.23 -3.15
H8 TC1 A 4 -3.90 5.63 -5.31
H9 TC1 A 4 -1.60 4.80 -5.42
H10 TC1 A 4 -0.27 4.57 -3.37
P TC1 B 4 5.93 -5.85 -0.65
OP1 TC1 B 4 7.26 -5.67 -1.25
OP2 TC1 B 4 5.53 -4.90 0.42
O5' TC1 B 4 4.84 -5.78 -1.81
C5' TC1 B 4 4.86 -6.72 -2.87
C4' TC1 B 4 3.88 -6.32 -3.99
C3' TC1 B 4 3.84 -4.85 -4.29
C2' TC1 B 4 2.55 -4.39 -3.67
C1' TC1 B 4 1.63 -5.57 -3.97
O4' TC1 B 4 2.50 -6.68 -3.78
N1 TC1 B 4 0.48 -5.66 -3.06
C2 TC1 B 4 -0.79 -5.97 -3.65
O2 TC1 B 4 -0.81 -6.12 -4.88
N3 TC1 B 4 -1.91 -6.09 -2.83
C4 TC1 B 4 -1.80 -5.86 -1.51
C6 TC1 B 4 -3.05 -5.73 0.63
C14 TC1 B 4 0.58 -5.45 -1.72
C13 TC1 B 4 -0.52 -5.51 -0.89
N5 TC1 B 4 -2.95 -5.94 -0.73
C11 TC1 B 4 -1.97 -5.32 1.41
S12 TC1 B 4 -0.35 -5.13 0.75
C7 TC1 B 4 -4.31 -5.93 1.24
C8 TC1 B 4 -4.47 -5.69 2.59
C9 TC1 B 4 -3.39 -5.28 3.37
C10 TC1 B 4 -2.14 -5.10 2.78
O3' TC1 B 4 3.85 -4.66 -5.71
H5' TC1 B 4 4.60 -7.72 -2.52
H5'' TC1 B 4 5.85 -6.78 -3.32
H4' TC1 B 4 4.22 -6.85 -4.91
H3' TC1 B 4 4.71 -4.33 -3.90
H2' TC1 B 4 2.71 -4.23 -2.60
H2'' TC1 B 4 2.25 -3.45 -4.15
H1' TC1 B 4 1.30 -5.52 -4.99
H14 TC1 B 4 1.59 -5.21 -1.31
H5 TC1 B 4 -3.80 -6.21 -1.18
H7 TC1 B 4 -5.14 -6.25 0.65
H8 TC1 B 4 -5.42 -5.84 3.05
H9 TC1 B 4 -3.51 -5.10 4.41
H10 TC1 B 4 -1.31 -4.79 3.38
P TC1 A 4 3.94 6.75 2.79
OP1 TC1 A 4 4.89 6.58 3.91
OP2 TC1 A 4 4.04 5.80 1.65
O5' TC1 A 4 2.45 6.66 3.37
C5' TC1 A 4 2.13 7.29 4.60
C4' TC1 A 4 0.74 6.87 5.09
C3' TC1 A 4 0.59 5.42 5.43
C2' TC1 A 4 -0.18 4.84 4.27
C1' TC1 A 4 -1.15 5.98 3.97
O4' TC1 A 4 -0.35 7.12 4.18
N1 TC1 A 4 -1.68 5.94 2.61
C2 TC1 A 4 -3.08 6.21 2.43
O2 TC1 A 4 -3.73 6.44 3.47
N3 TC1 A 4 -3.63 6.23 1.15
C4 TC1 A 4 -2.85 5.93 0.10
C6 TC1 A 4 -2.82 5.62 -2.37
C14 TC1 A 4 -0.90 5.66 1.52
C13 TC1 A 4 -1.43 5.62 0.24
N5 TC1 A 4 -3.44 5.91 -1.16
C11 TC1 A 4 -1.48 5.23 -2.45
S12 TC1 A 4 -0.43 5.16 -1.04
C7 TC1 A 4 -3.59 5.71 -3.54
C8 TC1 A 4 -3.02 5.40 -4.77
C9 TC1 A 4 -1.69 5.01 -4.85
C10 TC1 A 4 -0.92 4.93 -3.70
O3' TC1 A 4 -0.11 5.28 6.66
H5' TC1 A 4 2.17 8.38 4.52
H5'' TC1 A 4 2.84 7.00 5.38
H4' TC1 A 4 0.53 7.46 6.01
H3' TC1 A 4 1.56 4.95 5.57
H2' TC1 A 4 0.52 4.66 3.45
H2'' TC1 A 4 -0.64 3.91 4.59
H1' TC1 A 4 -1.97 5.94 4.69
H14 TC1 A 4 0.17 5.48 1.70
H5 TC1 A 4 -4.40 6.15 -1.24
H7 TC1 A 4 -4.61 6.02 -3.49
H8 TC1 A 4 -3.61 5.46 -5.65
H9 TC1 A 4 -1.26 4.77 -5.79
H10 TC1 A 4 0.10 4.63 -3.76
P TC1 B 4 5.51 -6.42 -0.89
OP1 TC1 B 4 6.84 -6.21 -1.51
OP2 TC1 B 4 5.09 -5.48 0.16
O5' TC1 B 4 4.41 -6.40 -2.05
C5' TC1 B 4 4.49 -7.33 -3.12
C4' TC1 B 4 3.50 -6.97 -4.24
C3' TC1 B 4 3.47 -5.52 -4.61
C2' TC1 B 4 2.20 -4.99 -4.00
C1' TC1 B 4 1.27 -6.17 -4.22
O4' TC1 B 4 2.11 -7.28 -4.00
N1 TC1 B 4 0.12 -6.18 -3.29
C2 TC1 B 4 -1.16 -6.48 -3.86
O2 TC1 B 4 -1.21 -6.69 -5.08
N3 TC1 B 4 -2.28 -6.54 -3.01
C4 TC1 B 4 -2.14 -6.26 -1.71
C6 TC1 B 4 -3.36 -6.01 0.45
C14 TC1 B 4 0.25 -5.91 -1.96
C13 TC1 B 4 -0.84 -5.92 -1.12
N5 TC1 B 4 -3.28 -6.28 -0.90
C11 TC1 B 4 -2.25 -5.59 1.19
S12 TC1 B 4 -0.63 -5.47 0.49
C7 TC1 B 4 -4.61 -6.15 1.08
C8 TC1 B 4 -4.74 -5.86 2.42
C9 TC1 B 4 -3.64 -5.44 3.16
C10 TC1 B 4 -2.40 -5.31 2.55
O3' TC1 B 4 3.48 -5.38 -6.03
H5' TC1 B 4 4.26 -8.35 -2.78
H5'' TC1 B 4 5.48 -7.34 -3.57
H4' TC1 B 4 3.81 -7.54 -5.13
H3' TC1 B 4 4.36 -5.00 -4.25
H2' TC1 B 4 2.39 -4.79 -2.93
H2'' TC1 B 4 1.92 -4.07 -4.51
H1' TC1 B 4 0.92 -6.16 -5.25
H14 TC1 B 4 1.27 -5.69 -1.59
H5 TC1 B 4 -4.14 -6.55 -1.33
H7 TC1 B 4 -5.46 -6.48 0.51
H8 TC1 B 4 -5.69 -5.95 2.90
H9 TC1 B 4 -3.74 -5.21 4.20
H10 TC1 B 4 -1.55 -5.00 3.13
P TC1 A 4 4.49 7.14 2.74
OP1 TC1 A 4 5.49 6.99 3.81
OP2 TC1 A 4 4.58 6.21 1.58
O5' TC1 A 4 3.03 6.97 3.39
C5' TC1 A 4 2.76 7.55 4.66
C4' TC1 A 4 1.40 7.07 5.19
C3' TC1 A 4 1.31 5.60 5.46
C2' TC1 A 4 0.49 5.07 4.32
C1' TC1 A 4 -0.53 6.19 4.14
O4' TC1 A 4 0.25 7.35 4.37
N1 TC1 A 4 -1.13 6.22 2.80
C2 TC1 A 4 -2.55 6.46 2.73
O2 TC1 A 4 -3.14 6.60 3.82
N3 TC1 A 4 -3.18 6.52 1.48
C4 TC1 A 4 -2.45 6.32 0.38
C6 TC1 A 4 -2.56 6.15 -2.11
C14 TC1 A 4 -0.41 6.03 1.66
C13 TC1 A 4 -1.01 6.04 0.42
N5 TC1 A 4 -3.10 6.35 -0.86
C11 TC1 A 4 -1.21 5.81 -2.29
S12 TC1 A 4 -0.08 5.69 -0.94
C7 TC1 A 4 -3.39 6.29 -3.23
C8 TC1 A 4 -2.89 6.06 -4.50
C9 TC1 A 4 -1.55 5.71 -4.68
C10 TC1 A 4 -0.72 5.59 -3.58
O3' TC1 A 4 0.68 5.36 6.72
H5' TC1 A 4 2.75 8.64 4.60
H5'' TC1 A 4 3.51 7.27 5.39
H4' TC1 A 4 1.25 7.60 6.16
H3' TC1 A 4 2.30 5.14 5.52
H2' TC1 A 4 1.14 4.94 3.45
H2'' TC1 A 4 0.07 4.11 4.61
H1' TC1 A 4 -1.30 6.09 4.89
H14 TC1 A 4 0.68 5.86 1.77
H5 TC1 A 4 -4.08 6.57 -0.86
H7 TC1 A 4 -4.42 6.56 -3.10
H8 TC1 A 4 -3.53 6.17 -5.36
H9 TC1 A 4 -1.17 5.55 -5.66
H10 TC1 A 4 0.31 5.34 -3.72
P TC1 B 4 5.62 -6.84 -0.80
OP1 TC1 B 4 6.98 -6.77 -1.38
OP2 TC1 B 4 5.23 -5.76 0.15
O5' TC1 B 4 4.56 -6.84 -2.00
C5' TC1 B 4 4.71 -7.76 -3.07
C4' TC1 B 4 3.74 -7.43 -4.22
C3' TC1 B 4 3.74 -6.00 -4.65
C2' TC1 B 4 2.48 -5.43 -4.07
C1' TC1 B 4 1.52 -6.61 -4.26
O4' TC1 B 4 2.35 -7.72 -3.98
N1 TC1 B 4 0.37 -6.58 -3.35
C2 TC1 B 4 -0.92 -6.88 -3.90
O2 TC1 B 4 -0.95 -7.15 -5.12
N3 TC1 B 4 -2.05 -6.90 -3.07
C4 TC1 B 4 -1.91 -6.57 -1.79
C6 TC1 B 4 -3.15 -6.22 0.35
C14 TC1 B 4 0.48 -6.26 -2.03
C13 TC1 B 4 -0.62 -6.21 -1.20
N5 TC1 B 4 -3.06 -6.54 -1.00
C11 TC1 B 4 -2.04 -5.78 1.08
S12 TC1 B 4 -0.43 -5.70 0.40
C7 TC1 B 4 -4.40 -6.31 0.96
C8 TC1 B 4 -4.54 -5.96 2.30
C9 TC1 B 4 -3.45 -5.53 3.04
C10 TC1 B 4 -2.20 -5.44 2.43
O3' TC1 B 4 3.75 -5.92 -6.08
H5' TC1 B 4 4.54 -8.79 -2.75
H5'' TC1 B 4 5.73 -7.72 -3.49
H4' TC1 B 4 4.06 -8.05 -5.08
H3' TC1 B 4 4.63 -5.47 -4.31
H2' TC1 B 4 2.64 -5.19 -3.03
H2'' TC1 B 4 2.20 -4.54 -4.63
H1' TC1 B 4 1.18 -6.65 -5.29
H14 TC1 B 4 1.49 -6.03 -1.64
H5 TC1 B 4 -3.92 -6.81 -1.42
H7 TC1 B 4 -5.25 -6.65 0.41
H8 TC1 B 4 -5.50 -6.03 2.77
H9 TC1 B 4 -3.56 -5.26 4.06
H10 TC1 B 4 -1.36 -5.11 2.99
P TC1 A 4 4.33 6.23 2.86
OP1 TC1 A 4 5.31 6.01 3.95
OP2 TC1 A 4 4.38 5.29 1.70
O5' TC1 A 4 2.86 6.17 3.49
C5' TC1 A 4 2.55 6.94 4.64
C4' TC1 A 4 1.18 6.56 5.20
C3' TC1 A 4 0.98 5.10 5.47
C2' TC1 A 4 0.11 4.61 4.34
C1' TC1 A 4 -0.83 5.81 4.18
O4' TC1 A 4 0.04 6.90 4.39
N1 TC1 A 4 -1.44 5.88 2.84
C2 TC1 A 4 -2.85 6.21 2.80
O2 TC1 A 4 -3.42 6.39 3.89
N3 TC1 A 4 -3.48 6.32 1.56
C4 TC1 A 4 -2.79 6.07 0.44
C6 TC1 A 4 -2.94 5.91 -2.04
C14 TC1 A 4 -0.75 5.65 1.69
C13 TC1 A 4 -1.38 5.70 0.46
N5 TC1 A 4 -3.46 6.14 -0.79
C11 TC1 A 4 -1.62 5.48 -2.24
S12 TC1 A 4 -0.49 5.29 -0.91
C7 TC1 A 4 -3.78 6.10 -3.15
C8 TC1 A 4 -3.32 5.85 -4.43
C9 TC1 A 4 -2.00 5.42 -4.63
C10 TC1 A 4 -1.16 5.24 -3.54
O3' TC1 A 4 0.36 4.91 6.74
H5' TC1 A 4 2.56 8.00 4.43
H5'' TC1 A 4 3.28 6.75 5.44
H4' TC1 A 4 1.07 7.10 6.17
H3' TC1 A 4 1.93 4.56 5.52
H2' TC1 A 4 0.73 4.45 3.46
H2'' TC1 A 4 -0.38 3.70 4.64
H1' TC1 A 4 -1.60 5.78 4.94
H14 TC1 A 4 0.32 5.40 1.79
H5 TC1 A 4 -4.41 6.43 -0.76
H7 TC1 A 4 -4.79 6.45 -3.00
H8 TC1 A 4 -3.96 5.99 -5.27
H9 TC1 A 4 -1.65 5.22 -5.62
H10 TC1 A 4 -0.15 4.91 -3.69
P TC1 B 4 5.54 -5.85 -0.47
OP1 TC1 B 4 6.89 -5.55 -0.97
OP2 TC1 B 4 4.94 -4.90 0.50
O5' TC1 B 4 4.54 -5.95 -1.72
C5' TC1 B 4 4.91 -6.75 -2.84
C4' TC1 B 4 3.94 -6.52 -4.01
C3' TC1 B 4 3.81 -5.09 -4.44
C2' TC1 B 4 2.47 -4.66 -3.89
C1' TC1 B 4 1.65 -5.94 -4.11
O4' TC1 B 4 2.58 -6.95 -3.82
N1 TC1 B 4 0.48 -6.03 -3.23
C2 TC1 B 4 -0.75 -6.48 -3.83
O2 TC1 B 4 -0.72 -6.74 -5.05
N3 TC1 B 4 -1.89 -6.61 -3.04
C4 TC1 B 4 -1.84 -6.27 -1.75
C6 TC1 B 4 -3.17 -6.06 0.35
C14 TC1 B 4 0.52 -5.71 -1.92
C13 TC1 B 4 -0.61 -5.77 -1.12
N5 TC1 B 4 -3.00 -6.37 -0.99
C11 TC1 B 4 -2.14 -5.50 1.12
S12 TC1 B 4 -0.52 -5.25 0.48
C7 TC1 B 4 -4.42 -6.30 0.94
C8 TC1 B 4 -4.65 -5.96 2.26
C9 TC1 B 4 -3.61 -5.41 3.02
C10 TC1 B 4 -2.37 -5.18 2.45
O3' TC1 B 4 3.85 -5.01 -5.87
H5' TC1 B 4 4.91 -7.82 -2.60
H5'' TC1 B 4 5.91 -6.49 -3.20
H4' TC1 B 4 4.35 -7.10 -4.87
H3' TC1 B 4 4.62 -4.48 -4.07
H2' TC1 B 4 2.59 -4.41 -2.85
H2'' TC1 B 4 2.12 -3.80 -4.46
H1' TC1 B 4 1.35 -6.00 -5.16
H14 TC1 B 4 1.49 -5.36 -1.50
H5 TC1 B 4 -3.82 -6.73 -1.44
H7 TC1 B 4 -5.21 -6.73 0.36
H8 TC1 B 4 -5.60 -6.14 2.70
H9 TC1 B 4 -3.79 -5.15 4.05
H10 TC1 B 4 -1.58 -4.76 3.05
P TC1 A 4 4.25 6.47 3.35
OP1 TC1 A 4 5.21 6.21 4.45
OP2 TC1 A 4 4.33 5.61 2.15
O5' TC1 A 4 2.77 6.35 3.94
C5' TC1 A 4 2.40 7.10 5.10
C4' TC1 A 4 1.03 6.66 5.62
C3' TC1 A 4 0.88 5.19 5.85
C2' TC1 A 4 0.06 4.70 4.70
C1' TC1 A 4 -0.92 5.86 4.54
O4' TC1 A 4 -0.11 6.98 4.80
N1 TC1 A 4 -1.52 5.93 3.20
C2 TC1 A 4 -2.93 6.21 3.13
O2 TC1 A 4 -3.53 6.36 4.21
N3 TC1 A 4 -3.55 6.33 1.88
C4 TC1 A 4 -2.82 6.12 0.77
C6 TC1 A 4 -2.92 5.99 -1.71
C14 TC1 A 4 -0.81 5.74 2.06
C13 TC1 A 4 -1.40 5.79 0.81
N5 TC1 A 4 -3.48 6.19 -0.47
C11 TC1 A 4 -1.59 5.61 -1.90
S12 TC1 A 4 -0.47 5.44 -0.55
C7 TC1 A 4 -3.76 6.18 -2.83
C8 TC1 A 4 -3.26 5.97 -4.11
C9 TC1 A 4 -1.92 5.58 -4.29
C10 TC1 A 4 -1.10 5.41 -3.19
O3' TC1 A 4 0.25 4.95 7.11
H5' TC1 A 4 2.37 8.17 4.88
H5'' TC1 A 4 3.12 6.94 5.91
H4' TC1 A 4 0.89 7.17 6.59
H3' TC1 A 4 1.85 4.69 5.91
H2' TC1 A 4 0.70 4.56 3.84
H2'' TC1 A 4 -0.41 3.75 4.98
H1' TC1 A 4 -1.71 5.78 5.29
H14 TC1 A 4 0.28 5.53 2.17
H5 TC1 A 4 -4.44 6.44 -0.46
H7 TC1 A 4 -4.77 6.48 -2.70
H8 TC1 A 4 -3.88 6.10 -4.96
H9 TC1 A 4 -1.55 5.41 -5.27
H10 TC1 A 4 -0.08 5.12 -3.33
P TC1 B 4 5.87 -6.28 -0.74
OP1 TC1 B 4 7.24 -6.10 -1.25
OP2 TC1 B 4 5.37 -5.32 0.26
O5' TC1 B 4 4.87 -6.26 -2.00
C5' TC1 B 4 5.14 -7.05 -3.14
C4' TC1 B 4 4.19 -6.68 -4.30
C3' TC1 B 4 4.11 -5.23 -4.62
C2' TC1 B 4 2.80 -4.79 -4.05
C1' TC1 B 4 1.93 -6.00 -4.37
O4' TC1 B 4 2.81 -7.08 -4.14
N1 TC1 B 4 0.74 -6.10 -3.51
C2 TC1 B 4 -0.50 -6.44 -4.13
O2 TC1 B 4 -0.46 -6.62 -5.36
N3 TC1 B 4 -1.65 -6.59 -3.36
C4 TC1 B 4 -1.59 -6.35 -2.04
C6 TC1 B 4 -2.92 -6.24 0.05
C14 TC1 B 4 0.78 -5.88 -2.15
C13 TC1 B 4 -0.35 -5.96 -1.38
N5 TC1 B 4 -2.77 -6.45 -1.30
C11 TC1 B 4 -1.87 -5.78 0.87
S12 TC1 B 4 -0.24 -5.56 0.26
C7 TC1 B 4 -4.20 -6.45 0.61
C8 TC1 B 4 -4.41 -6.22 1.97
C9 TC1 B 4 -3.37 -5.77 2.77
C10 TC1 B 4 -2.11 -5.56 2.23
O3' TC1 B 4 4.18 -5.04 -6.03
H5' TC1 B 4 5.03 -8.11 -2.92
H5'' TC1 B 4 6.16 -6.88 -3.50
H4' TC1 B 4 4.58 -7.22 -5.20
H3' TC1 B 4 4.96 -4.67 -4.20
H2' TC1 B 4 2.92 -4.62 -2.98
H2'' TC1 B 4 2.49 -3.87 -4.54
H1' TC1 B 4 1.62 -5.97 -5.41
H14 TC1 B 4 1.77 -5.62 -1.72
H5 TC1 B 4 -3.59 -6.75 -1.78
H7 TC1 B 4 -4.99 -6.81 0.00
H8 TC1 B 4 -5.38 -6.38 2.38
H9 TC1 B 4 -3.54 -5.58 3.81
H10 TC1 B 4 -1.31 -5.23 2.85
P TC1 A 4 3.85 6.42 2.74
OP1 TC1 A 4 4.80 6.20 3.86
OP2 TC1 A 4 3.91 5.45 1.62
O5' TC1 A 4 2.38 6.41 3.35
C5' TC1 A 4 2.11 7.05 4.60
C4' TC1 A 4 0.69 6.72 5.09
C3' TC1 A 4 0.46 5.28 5.45
C2' TC1 A 4 -0.33 4.73 4.30
C1' TC1 A 4 -1.24 5.91 3.99
O4' TC1 A 4 -0.39 7.02 4.18
N1 TC1 A 4 -1.78 5.89 2.63
C2 TC1 A 4 -3.17 6.22 2.46
O2 TC1 A 4 -3.80 6.48 3.49
N3 TC1 A 4 -3.72 6.24 1.18
C4 TC1 A 4 -2.96 5.90 0.13
C6 TC1 A 4 -2.96 5.56 -2.34
C14 TC1 A 4 -1.02 5.56 1.54
C13 TC1 A 4 -1.56 5.52 0.27
N5 TC1 A 4 -3.55 5.89 -1.14
C11 TC1 A 4 -1.64 5.10 -2.42
S12 TC1 A 4 -0.58 5.01 -1.01
C7 TC1 A 4 -3.73 5.67 -3.51
C8 TC1 A 4 -3.18 5.32 -4.74
C9 TC1 A 4 -1.86 4.86 -4.81
C10 TC1 A 4 -1.10 4.77 -3.67
O3' TC1 A 4 -0.24 5.20 6.68
H5' TC1 A 4 2.21 8.13 4.51
H5'' TC1 A 4 2.80 6.71 5.36
H4' TC1 A 4 0.53 7.33 6.00
H3' TC1 A 4 1.41 4.75 5.59
H2' TC1 A 4 0.34 4.49 3.49
H2'' TC1 A 4 -0.85 3.83 4.64
H1' TC1 A 4 -2.06 5.94 4.71
H14 TC1 A 4 0.04 5.32 1.72
H5 TC1 A 4 -4.51 6.18 -1.21
H7 TC1 A 4 -4.73 6.03 -3.46
H8 TC1 A 4 -3.77 5.40 -5.62
H9 TC1 A 4 -1.45 4.60 -5.77
H10 TC1 A 4 -0.08 4.43 -3.73
P TC1 B 4 5.23 -5.93 -0.05
OP1 TC1 B 4 6.62 -5.66 -0.47
OP2 TC1 B 4 4.62 -5.00 0.92
O5' TC1 B 4 4.31 -5.96 -1.36
C5' TC1 B 4 4.83 -6.50 -2.58
C4' TC1 B 4 3.87 -6.21 -3.75
C3' TC1 B 4 3.74 -4.77 -4.12
C2' TC1 B 4 2.40 -4.36 -3.58
C1' TC1 B 4 1.59 -5.62 -3.85
O4' TC1 B 4 2.51 -6.65 -3.59
N1 TC1 B 4 0.40 -5.73 -2.99
C2 TC1 B 4 -0.82 -6.16 -3.61
O2 TC1 B 4 -0.77 -6.38 -4.84
N3 TC1 B 4 -1.97 -6.33 -2.84
C4 TC1 B 4 -1.93 -6.03 -1.53
C6 TC1 B 4 -3.28 -5.89 0.55
C14 TC1 B 4 0.43 -5.46 -1.66
C13 TC1 B 4 -0.71 -5.56 -0.88
N5 TC1 B 4 -3.10 -6.16 -0.79
C11 TC1 B 4 -2.26 -5.37 1.35
S12 TC1 B 4 -0.63 -5.09 0.74
C7 TC1 B 4 -4.55 -6.15 1.11
C8 TC1 B 4 -4.78 -5.86 2.44
C9 TC1 B 4 -3.76 -5.34 3.24
C10 TC1 B 4 -2.51 -5.10 2.69
O3' TC1 B 4 3.81 -4.63 -5.53
H5' TC1 B 4 4.98 -7.57 -2.50
H5'' TC1 B 4 5.79 -6.04 -2.83
H4' TC1 B 4 4.29 -6.76 -4.63
H3' TC1 B 4 4.56 -4.17 -3.71
H2' TC1 B 4 2.51 -4.15 -2.51
H2'' TC1 B 4 2.07 -3.47 -4.10
H1' TC1 B 4 1.29 -5.63 -4.90
H14 TC1 B 4 1.39 -5.14 -1.22
H5 TC1 B 4 -3.91 -6.51 -1.26
H7 TC1 B 4 -5.33 -6.56 0.51
H8 TC1 B 4 -5.75 -6.05 2.87
H9 TC1 B 4 -3.95 -5.13 4.28
H10 TC1 B 4 -1.73 -4.70 3.31
P TC1 A 4 4.05 4.68 2.23
OP1 TC1 A 4 5.06 4.29 3.24
OP2 TC1 A 4 3.84 3.78 1.08
O5' TC1 A 4 2.65 4.85 2.98
C5' TC1 A 4 2.62 5.32 4.33
C4' TC1 A 4 1.21 5.18 4.92
C3' TC1 A 4 0.75 3.78 5.16
C2' TC1 A 4 -0.22 3.50 4.04
C1' TC1 A 4 -0.93 4.86 3.94
O4' TC1 A 4 0.13 5.77 4.16
N1 TC1 A 4 -1.56 5.08 2.64
C2 TC1 A 4 -2.88 5.65 2.64
O2 TC1 A 4 -3.38 5.89 3.76
N3 TC1 A 4 -3.52 5.91 1.42
C4 TC1 A 4 -2.91 5.58 0.28
C6 TC1 A 4 -3.15 5.54 -2.20
C14 TC1 A 4 -0.95 4.76 1.46
C13 TC1 A 4 -1.58 4.97 0.25
N5 TC1 A 4 -3.59 5.82 -0.91
C11 TC1 A 4 -1.95 4.89 -2.45
S12 TC1 A 4 -0.82 4.46 -1.16
C7 TC1 A 4 -3.98 5.91 -3.27
C8 TC1 A 4 -3.60 5.62 -4.57
C9 TC1 A 4 -2.39 4.97 -4.82
C10 TC1 A 4 -1.57 4.61 -3.76
O3' TC1 A 4 0.14 3.67 6.44
H5' TC1 A 4 2.93 6.36 4.40
H5'' TC1 A 4 3.29 4.72 4.96
H4' TC1 A 4 1.23 5.71 5.91
H3' TC1 A 4 1.59 3.07 5.16
H2' TC1 A 4 0.33 3.24 3.14
H2'' TC1 A 4 -0.87 2.68 4.34
H1' TC1 A 4 -1.67 4.94 4.74
H14 TC1 A 4 0.06 4.33 1.51
H5 TC1 A 4 -4.48 6.26 -0.86
H7 TC1 A 4 -4.90 6.43 -3.08
H8 TC1 A 4 -4.23 5.91 -5.38
H9 TC1 A 4 -2.11 4.75 -5.83
H10 TC1 A 4 -0.64 4.12 -3.97
P TC1 B 4 5.30 -5.17 -0.74
OP1 TC1 B 4 6.63 -4.98 -1.36
OP2 TC1 B 4 4.80 -4.07 0.11
O5' TC1 B 4 4.24 -5.39 -1.92
C5' TC1 B 4 4.55 -6.29 -2.98
C4' TC1 B 4 3.53 -6.15 -4.13
C3' TC1 B 4 3.30 -4.75 -4.60
C2' TC1 B 4 1.97 -4.37 -4.03
C1' TC1 B 4 1.21 -5.69 -4.18
O4' TC1 B 4 2.20 -6.65 -3.88
N1 TC1 B 4 0.06 -5.80 -3.26
C2 TC1 B 4 -1.16 -6.31 -3.80
O2 TC1 B 4 -1.15 -6.61 -5.01
N3 TC1 B 4 -2.27 -6.47 -2.97
C4 TC1 B 4 -2.19 -6.10 -1.68
C6 TC1 B 4 -3.46 -5.88 0.45
C14 TC1 B 4 0.14 -5.44 -1.94
C13 TC1 B 4 -0.96 -5.53 -1.11
N5 TC1 B 4 -3.32 -6.22 -0.88
C11 TC1 B 4 -2.42 -5.27 1.17
S12 TC1 B 4 -0.83 -4.97 0.47
C7 TC1 B 4 -4.68 -6.16 1.08
C8 TC1 B 4 -4.87 -5.80 2.41
C9 TC1 B 4 -3.84 -5.18 3.13
C10 TC1 B 4 -2.63 -4.93 2.51
O3' TC1 B 4 3.30 -4.71 -6.03
H5' TC1 B 4 4.53 -7.33 -2.64
H5'' TC1 B 4 5.53 -6.09 -3.40
H4' TC1 B 4 3.93 -6.75 -4.97
H3' TC1 B 4 4.10 -4.09 -4.28
H2' TC1 B 4 2.10 -4.08 -2.99
H2'' TC1 B 4 1.56 -3.54 -4.61
H1' TC1 B 4 0.87 -5.80 -5.20
H14 TC1 B 4 1.11 -5.06 -1.58
H5 TC1 B 4 -4.14 -6.63 -1.29
H7 TC1 B 4 -5.46 -6.63 0.54
H8 TC1 B 4 -5.80 -6.00 2.88
H9 TC1 B 4 -4.00 -4.92 4.15
H10 TC1 B 4 -1.84 -4.47 3.07
#